data_4HOR
#
_entry.id   4HOR
#
_cell.length_a   54.588
_cell.length_b   84.903
_cell.length_c   61.470
_cell.angle_alpha   90.00
_cell.angle_beta   106.92
_cell.angle_gamma   90.00
#
_symmetry.space_group_name_H-M   'P 1 21 1'
#
loop_
_entity.id
_entity.type
_entity.pdbx_description
1 polymer 'Interferon-induced protein with tetratricopeptide repeats 5'
2 polymer "RNA (5'-R(*(CTP)P*CP*CP*CP*C)-3')"
3 non-polymer 'MAGNESIUM ION'
4 water water
#
loop_
_entity_poly.entity_id
_entity_poly.type
_entity_poly.pdbx_seq_one_letter_code
_entity_poly.pdbx_strand_id
1 'polypeptide(L)'
;MSEIRKDTLKAILLELECHFTWNLLKEDIDLFEVEDTIGQQLEFLTTKSRLALYNLLAYVKHLKGQNKDALECLEQAEEI
IQQEHSDKEEVRSLVTWGNYAWVYYHMDQLEEAQKYTGKIGNVCKKLSSPSNYKLECPETDCEKGWALLKFGGKYYQKAK
AAFEKALEVEPDNPEFNIGYAITVYRLDDSDREGSVKSFSLGPLRKAVTLNPDNSYIKVFLALKLQDVHAEAEGEKYIEE
ILDQISSQPYVLRYAAKFYRRKNSWNKALELLKKALEVTPTSSFLHHQMGLCYRAQMIQIKKATHNRPKGKDKLKVDELI
SSAIFHFKAAMERDSMFAFAYTDLANMYAEGGQYSNAEDIFRKALRLENITDDHKHQIHYHYGRFQEFHRKSENTAIHHY
LEALKVKDRSPLRTKLTSALKKLSTKRLCHNALDVQSLSALGFVYKLEGEKRQAAEYYEKAQKIDPENAEFLTALCELRL
SI
;
A
2 'polyribonucleotide' (CTP)CCCC X
#
loop_
_chem_comp.id
_chem_comp.type
_chem_comp.name
_chem_comp.formula
C RNA linking CYTIDINE-5'-MONOPHOSPHATE 'C9 H14 N3 O8 P'
CTP non-polymer CYTIDINE-5'-TRIPHOSPHATE 'C9 H16 N3 O14 P3'
MG non-polymer 'MAGNESIUM ION' 'Mg 2'
#
# COMPACT_ATOMS: atom_id res chain seq x y z
N MET A 1 -34.57 -23.20 8.67
CA MET A 1 -34.26 -22.72 10.02
C MET A 1 -35.16 -21.54 10.40
N SER A 2 -35.75 -21.64 11.59
CA SER A 2 -36.55 -20.54 12.15
C SER A 2 -35.69 -19.31 12.35
N GLU A 3 -36.25 -18.13 12.14
CA GLU A 3 -35.45 -16.91 12.18
C GLU A 3 -35.09 -16.43 13.58
N ILE A 4 -35.36 -17.26 14.59
CA ILE A 4 -34.88 -17.00 15.94
C ILE A 4 -33.58 -17.76 16.17
N ARG A 5 -33.50 -18.97 15.61
CA ARG A 5 -32.25 -19.70 15.57
C ARG A 5 -31.28 -18.94 14.68
N LYS A 6 -31.82 -18.25 13.69
CA LYS A 6 -31.02 -17.47 12.77
C LYS A 6 -30.31 -16.33 13.50
N ASP A 7 -31.06 -15.60 14.33
CA ASP A 7 -30.49 -14.49 15.10
C ASP A 7 -29.39 -14.95 16.02
N THR A 8 -29.58 -16.12 16.62
CA THR A 8 -28.56 -16.73 17.46
C THR A 8 -27.30 -17.07 16.65
N LEU A 9 -27.50 -17.64 15.46
CA LEU A 9 -26.37 -18.01 14.60
C LEU A 9 -25.58 -16.79 14.15
N LYS A 10 -26.31 -15.72 13.78
CA LYS A 10 -25.67 -14.48 13.35
C LYS A 10 -24.81 -13.90 14.46
N ALA A 11 -25.29 -14.02 15.69
CA ALA A 11 -24.55 -13.57 16.87
C ALA A 11 -23.26 -14.36 17.05
N ILE A 12 -23.34 -15.68 16.87
CA ILE A 12 -22.17 -16.53 17.01
C ILE A 12 -21.15 -16.20 15.93
N LEU A 13 -21.62 -16.01 14.70
CA LEU A 13 -20.74 -15.73 13.58
C LEU A 13 -19.85 -14.52 13.87
N LEU A 14 -20.43 -13.53 14.55
CA LEU A 14 -19.71 -12.31 14.88
C LEU A 14 -18.65 -12.52 15.98
N GLU A 15 -18.78 -13.61 16.72
CA GLU A 15 -17.84 -13.92 17.81
C GLU A 15 -16.63 -14.72 17.33
N LEU A 16 -16.66 -15.18 16.08
CA LEU A 16 -15.57 -16.00 15.57
C LEU A 16 -14.34 -15.16 15.27
N GLU A 17 -13.18 -15.79 15.32
CA GLU A 17 -11.96 -15.18 14.78
C GLU A 17 -11.70 -15.77 13.40
N CYS A 18 -11.95 -14.99 12.36
CA CYS A 18 -11.62 -15.41 11.00
C CYS A 18 -11.72 -14.16 10.12
N HIS A 19 -11.43 -14.32 8.84
CA HIS A 19 -11.39 -13.18 7.93
C HIS A 19 -12.66 -12.33 7.94
N PHE A 20 -13.81 -12.97 8.10
CA PHE A 20 -15.09 -12.24 8.08
C PHE A 20 -15.29 -11.30 9.28
N THR A 21 -14.49 -11.45 10.33
CA THR A 21 -14.62 -10.57 11.48
C THR A 21 -13.38 -9.69 11.68
N TRP A 22 -12.51 -9.67 10.67
CA TRP A 22 -11.27 -8.91 10.77
C TRP A 22 -11.33 -7.55 10.06
N ASN A 23 -12.53 -7.19 9.61
CA ASN A 23 -12.77 -5.87 9.03
CA ASN A 23 -12.78 -5.86 9.03
C ASN A 23 -11.92 -5.58 7.80
N LEU A 24 -11.81 -6.58 6.94
CA LEU A 24 -11.05 -6.50 5.70
C LEU A 24 -12.01 -6.08 4.59
N LEU A 25 -11.97 -4.81 4.20
CA LEU A 25 -12.96 -4.28 3.26
C LEU A 25 -12.52 -4.39 1.80
N LYS A 26 -13.38 -4.96 0.96
CA LYS A 26 -13.04 -5.16 -0.45
C LYS A 26 -12.71 -3.88 -1.22
N GLU A 27 -13.26 -2.75 -0.80
CA GLU A 27 -13.03 -1.51 -1.55
CA GLU A 27 -13.03 -1.51 -1.55
C GLU A 27 -11.61 -0.98 -1.40
N ASP A 28 -10.86 -1.54 -0.45
CA ASP A 28 -9.51 -1.07 -0.20
C ASP A 28 -8.47 -1.75 -1.07
N ILE A 29 -8.90 -2.71 -1.87
CA ILE A 29 -7.96 -3.43 -2.73
C ILE A 29 -8.56 -3.64 -4.11
N ASP A 30 -7.69 -3.99 -5.06
CA ASP A 30 -8.12 -4.54 -6.34
C ASP A 30 -8.29 -6.06 -6.12
N LEU A 31 -9.53 -6.55 -6.15
CA LEU A 31 -9.82 -7.97 -5.89
C LEU A 31 -9.17 -8.92 -6.90
N PHE A 32 -9.12 -8.52 -8.17
CA PHE A 32 -8.48 -9.34 -9.17
C PHE A 32 -6.98 -9.46 -8.92
N GLU A 33 -6.35 -8.34 -8.59
CA GLU A 33 -4.93 -8.33 -8.29
C GLU A 33 -4.62 -9.17 -7.04
N VAL A 34 -5.45 -9.04 -6.03
CA VAL A 34 -5.22 -9.78 -4.80
C VAL A 34 -5.43 -11.27 -5.02
N GLU A 35 -6.50 -11.62 -5.72
CA GLU A 35 -6.74 -13.01 -6.06
C GLU A 35 -5.58 -13.61 -6.85
N ASP A 36 -5.13 -12.90 -7.88
CA ASP A 36 -4.08 -13.40 -8.75
CA ASP A 36 -4.08 -13.39 -8.77
C ASP A 36 -2.75 -13.52 -8.01
N THR A 37 -2.42 -12.51 -7.21
CA THR A 37 -1.12 -12.55 -6.52
C THR A 37 -1.10 -13.60 -5.41
N ILE A 38 -2.25 -13.86 -4.79
CA ILE A 38 -2.30 -14.94 -3.82
C ILE A 38 -1.95 -16.27 -4.50
N GLY A 39 -2.51 -16.47 -5.70
CA GLY A 39 -2.20 -17.65 -6.49
C GLY A 39 -0.71 -17.72 -6.82
N GLN A 40 -0.15 -16.57 -7.19
CA GLN A 40 1.28 -16.51 -7.50
C GLN A 40 2.19 -16.73 -6.27
N GLN A 41 1.73 -16.33 -5.10
CA GLN A 41 2.52 -16.62 -3.90
C GLN A 41 2.44 -18.11 -3.55
N LEU A 42 1.27 -18.72 -3.77
CA LEU A 42 1.15 -20.15 -3.53
C LEU A 42 2.16 -20.92 -4.36
N GLU A 43 2.43 -20.42 -5.56
CA GLU A 43 3.34 -21.12 -6.46
CA GLU A 43 3.33 -21.10 -6.49
C GLU A 43 4.79 -20.68 -6.32
N PHE A 44 5.00 -19.39 -6.01
CA PHE A 44 6.34 -18.83 -6.12
C PHE A 44 6.95 -18.23 -4.87
N LEU A 45 6.18 -18.17 -3.78
CA LEU A 45 6.73 -17.73 -2.51
C LEU A 45 6.49 -18.87 -1.53
N THR A 46 7.26 -19.94 -1.70
CA THR A 46 6.93 -21.23 -1.11
C THR A 46 7.20 -21.30 0.37
N THR A 47 7.75 -20.23 0.94
CA THR A 47 8.01 -20.19 2.37
C THR A 47 6.85 -19.57 3.15
N LYS A 48 5.87 -19.02 2.45
CA LYS A 48 4.71 -18.45 3.11
C LYS A 48 3.63 -19.51 3.36
N SER A 49 2.97 -19.44 4.51
CA SER A 49 1.99 -20.45 4.91
C SER A 49 0.92 -20.69 3.86
N ARG A 50 0.87 -21.91 3.35
CA ARG A 50 -0.11 -22.26 2.33
C ARG A 50 -1.50 -22.31 2.96
N LEU A 51 -1.56 -22.73 4.21
CA LEU A 51 -2.85 -22.74 4.90
C LEU A 51 -3.45 -21.34 4.96
N ALA A 52 -2.63 -20.37 5.42
CA ALA A 52 -3.05 -18.96 5.49
C ALA A 52 -3.44 -18.44 4.12
N LEU A 53 -2.66 -18.78 3.09
CA LEU A 53 -2.95 -18.32 1.75
C LEU A 53 -4.30 -18.83 1.23
N TYR A 54 -4.61 -20.10 1.44
CA TYR A 54 -5.89 -20.63 0.98
C TYR A 54 -7.07 -20.08 1.78
N ASN A 55 -6.91 -19.87 3.09
CA ASN A 55 -7.97 -19.26 3.88
C ASN A 55 -8.26 -17.86 3.35
N LEU A 56 -7.20 -17.10 3.05
CA LEU A 56 -7.34 -15.74 2.53
C LEU A 56 -7.98 -15.72 1.15
N LEU A 57 -7.51 -16.61 0.28
CA LEU A 57 -8.06 -16.73 -1.08
C LEU A 57 -9.55 -17.06 -1.04
N ALA A 58 -9.95 -17.92 -0.11
CA ALA A 58 -11.35 -18.24 0.08
C ALA A 58 -12.14 -16.97 0.39
N TYR A 59 -11.60 -16.14 1.29
CA TYR A 59 -12.29 -14.90 1.65
C TYR A 59 -12.40 -13.97 0.44
N VAL A 60 -11.33 -13.92 -0.34
CA VAL A 60 -11.28 -13.06 -1.52
C VAL A 60 -12.27 -13.55 -2.57
N LYS A 61 -12.38 -14.87 -2.73
CA LYS A 61 -13.35 -15.39 -3.70
C LYS A 61 -14.77 -15.02 -3.26
N HIS A 62 -15.02 -15.11 -1.95
CA HIS A 62 -16.31 -14.66 -1.43
C HIS A 62 -16.56 -13.19 -1.78
N LEU A 63 -15.54 -12.35 -1.63
CA LEU A 63 -15.69 -10.91 -1.91
C LEU A 63 -16.02 -10.66 -3.38
N LYS A 64 -15.64 -11.60 -4.25
CA LYS A 64 -15.96 -11.51 -5.69
C LYS A 64 -17.29 -12.17 -6.02
N GLY A 65 -18.00 -12.60 -4.98
CA GLY A 65 -19.31 -13.20 -5.15
C GLY A 65 -19.23 -14.65 -5.60
N GLN A 66 -18.07 -15.26 -5.42
CA GLN A 66 -17.84 -16.62 -5.84
C GLN A 66 -17.77 -17.54 -4.62
N ASN A 67 -18.91 -17.74 -3.97
CA ASN A 67 -18.98 -18.52 -2.74
C ASN A 67 -18.69 -20.00 -2.95
N LYS A 68 -19.18 -20.54 -4.05
CA LYS A 68 -18.88 -21.92 -4.43
C LYS A 68 -17.37 -22.12 -4.56
N ASP A 69 -16.68 -21.16 -5.18
CA ASP A 69 -15.23 -21.24 -5.30
C ASP A 69 -14.54 -21.03 -3.95
N ALA A 70 -15.13 -20.20 -3.08
CA ALA A 70 -14.56 -20.04 -1.74
C ALA A 70 -14.54 -21.38 -1.01
N LEU A 71 -15.63 -22.14 -1.11
CA LEU A 71 -15.70 -23.45 -0.47
C LEU A 71 -14.55 -24.36 -0.93
N GLU A 72 -14.26 -24.35 -2.23
CA GLU A 72 -13.20 -25.17 -2.78
C GLU A 72 -11.84 -24.78 -2.22
N CYS A 73 -11.65 -23.47 -2.00
CA CYS A 73 -10.41 -23.02 -1.38
C CYS A 73 -10.30 -23.52 0.07
N LEU A 74 -11.42 -23.50 0.78
CA LEU A 74 -11.41 -23.98 2.16
C LEU A 74 -11.21 -25.50 2.21
N GLU A 75 -11.65 -26.21 1.19
CA GLU A 75 -11.39 -27.65 1.10
C GLU A 75 -9.88 -27.89 0.96
N GLN A 76 -9.22 -27.07 0.15
CA GLN A 76 -7.78 -27.15 -0.01
C GLN A 76 -7.05 -26.86 1.30
N ALA A 77 -7.56 -25.86 2.03
CA ALA A 77 -7.03 -25.54 3.35
C ALA A 77 -7.14 -26.75 4.27
N GLU A 78 -8.26 -27.45 4.19
CA GLU A 78 -8.46 -28.65 5.01
C GLU A 78 -7.45 -29.73 4.63
N GLU A 79 -7.20 -29.88 3.33
CA GLU A 79 -6.21 -30.85 2.86
C GLU A 79 -4.82 -30.51 3.41
N ILE A 80 -4.49 -29.23 3.44
CA ILE A 80 -3.21 -28.78 3.98
C ILE A 80 -3.09 -29.06 5.47
N ILE A 81 -4.19 -28.86 6.20
CA ILE A 81 -4.23 -29.22 7.61
C ILE A 81 -3.92 -30.70 7.86
N GLN A 82 -4.42 -31.58 6.99
CA GLN A 82 -4.02 -32.99 7.06
C GLN A 82 -2.55 -33.18 6.67
N GLN A 83 -2.12 -32.46 5.64
CA GLN A 83 -0.74 -32.55 5.16
C GLN A 83 0.27 -32.01 6.15
N GLU A 84 0.12 -30.74 6.52
CA GLU A 84 1.17 -30.01 7.24
C GLU A 84 0.89 -29.76 8.73
N HIS A 85 -0.35 -29.98 9.16
CA HIS A 85 -0.73 -29.66 10.54
C HIS A 85 -1.49 -30.80 11.25
N SER A 86 -1.14 -32.04 10.92
CA SER A 86 -1.91 -33.19 11.41
C SER A 86 -1.89 -33.37 12.94
N ASP A 87 -0.77 -33.03 13.57
CA ASP A 87 -0.64 -33.19 15.01
C ASP A 87 -1.57 -32.25 15.79
N LYS A 88 -1.78 -31.05 15.24
CA LYS A 88 -2.62 -30.04 15.90
C LYS A 88 -3.82 -29.71 15.04
N GLU A 89 -4.42 -30.77 14.48
CA GLU A 89 -5.48 -30.70 13.49
C GLU A 89 -6.64 -29.79 13.88
N GLU A 90 -7.18 -30.00 15.08
CA GLU A 90 -8.40 -29.29 15.51
C GLU A 90 -8.17 -27.80 15.72
N VAL A 91 -7.18 -27.45 16.52
CA VAL A 91 -6.90 -26.04 16.77
C VAL A 91 -6.48 -25.29 15.50
N ARG A 92 -5.74 -25.97 14.61
CA ARG A 92 -5.30 -25.33 13.36
C ARG A 92 -6.45 -25.17 12.36
N SER A 93 -7.60 -25.75 12.68
CA SER A 93 -8.74 -25.74 11.77
C SER A 93 -9.70 -24.59 12.06
N LEU A 94 -9.51 -23.91 13.18
CA LEU A 94 -10.51 -22.92 13.63
C LEU A 94 -10.82 -21.81 12.62
N VAL A 95 -9.78 -21.21 12.04
CA VAL A 95 -10.02 -20.12 11.11
C VAL A 95 -10.73 -20.63 9.85
N THR A 96 -10.29 -21.79 9.37
CA THR A 96 -10.92 -22.42 8.21
C THR A 96 -12.40 -22.71 8.48
N TRP A 97 -12.69 -23.23 9.68
CA TRP A 97 -14.06 -23.55 10.05
C TRP A 97 -14.91 -22.29 10.18
N GLY A 98 -14.31 -21.23 10.72
CA GLY A 98 -14.97 -19.94 10.81
C GLY A 98 -15.38 -19.43 9.44
N ASN A 99 -14.44 -19.46 8.50
CA ASN A 99 -14.77 -19.07 7.13
C ASN A 99 -15.84 -19.96 6.48
N TYR A 100 -15.79 -21.27 6.72
CA TYR A 100 -16.86 -22.17 6.25
C TYR A 100 -18.20 -21.69 6.78
N ALA A 101 -18.27 -21.42 8.08
CA ALA A 101 -19.53 -21.01 8.71
C ALA A 101 -20.10 -19.76 8.05
N TRP A 102 -19.24 -18.76 7.85
CA TRP A 102 -19.66 -17.51 7.21
C TRP A 102 -20.04 -17.69 5.74
N VAL A 103 -19.29 -18.52 5.02
CA VAL A 103 -19.61 -18.75 3.62
C VAL A 103 -20.94 -19.47 3.46
N TYR A 104 -21.14 -20.54 4.22
CA TYR A 104 -22.42 -21.24 4.18
C TYR A 104 -23.56 -20.32 4.60
N TYR A 105 -23.28 -19.44 5.57
CA TYR A 105 -24.26 -18.43 5.96
C TYR A 105 -24.66 -17.57 4.77
N HIS A 106 -23.66 -17.07 4.03
CA HIS A 106 -23.94 -16.26 2.84
C HIS A 106 -24.63 -17.02 1.71
N MET A 107 -24.49 -18.34 1.67
CA MET A 107 -25.16 -19.14 0.66
C MET A 107 -26.53 -19.62 1.15
N ASP A 108 -26.95 -19.05 2.27
CA ASP A 108 -28.22 -19.38 2.93
CA ASP A 108 -28.23 -19.38 2.91
C ASP A 108 -28.31 -20.87 3.29
N GLN A 109 -27.17 -21.48 3.56
CA GLN A 109 -27.15 -22.86 4.05
C GLN A 109 -26.92 -22.80 5.54
N LEU A 110 -27.96 -22.41 6.27
CA LEU A 110 -27.84 -22.06 7.68
C LEU A 110 -27.51 -23.24 8.57
N GLU A 111 -28.11 -24.39 8.27
CA GLU A 111 -27.87 -25.60 9.04
C GLU A 111 -26.42 -26.03 8.91
N GLU A 112 -25.89 -25.91 7.70
CA GLU A 112 -24.52 -26.27 7.43
C GLU A 112 -23.57 -25.32 8.17
N ALA A 113 -23.94 -24.04 8.23
CA ALA A 113 -23.14 -23.06 8.95
C ALA A 113 -23.09 -23.38 10.43
N GLN A 114 -24.22 -23.83 10.97
CA GLN A 114 -24.33 -24.12 12.40
C GLN A 114 -23.43 -25.30 12.76
N LYS A 115 -23.35 -26.27 11.85
CA LYS A 115 -22.45 -27.41 12.04
C LYS A 115 -21.04 -26.92 12.33
N TYR A 116 -20.60 -25.91 11.59
CA TYR A 116 -19.24 -25.40 11.75
C TYR A 116 -19.04 -24.60 13.05
N THR A 117 -20.02 -23.79 13.42
CA THR A 117 -19.92 -23.09 14.70
C THR A 117 -19.90 -24.08 15.87
N GLY A 118 -20.63 -25.19 15.72
CA GLY A 118 -20.63 -26.23 16.73
C GLY A 118 -19.27 -26.88 16.91
N LYS A 119 -18.58 -27.14 15.80
CA LYS A 119 -17.25 -27.74 15.84
C LYS A 119 -16.28 -26.80 16.53
N ILE A 120 -16.38 -25.53 16.13
CA ILE A 120 -15.58 -24.48 16.74
C ILE A 120 -15.82 -24.39 18.25
N GLY A 121 -17.08 -24.32 18.65
CA GLY A 121 -17.43 -24.24 20.06
C GLY A 121 -16.91 -25.43 20.84
N ASN A 122 -16.98 -26.61 20.23
CA ASN A 122 -16.48 -27.82 20.90
C ASN A 122 -14.97 -27.78 21.16
N VAL A 123 -14.22 -27.39 20.14
CA VAL A 123 -12.77 -27.32 20.27
C VAL A 123 -12.35 -26.26 21.30
N CYS A 124 -13.01 -25.10 21.27
CA CYS A 124 -12.66 -24.04 22.21
C CYS A 124 -12.89 -24.46 23.65
N LYS A 125 -13.97 -25.20 23.88
CA LYS A 125 -14.28 -25.74 25.19
C LYS A 125 -13.23 -26.77 25.58
N LYS A 126 -12.92 -27.68 24.66
CA LYS A 126 -11.92 -28.73 24.86
C LYS A 126 -10.59 -28.15 25.35
N LEU A 127 -10.25 -26.99 24.77
CA LEU A 127 -8.95 -26.36 25.02
C LEU A 127 -8.98 -25.23 26.07
N SER A 128 -10.03 -25.22 26.88
CA SER A 128 -10.12 -24.30 28.02
C SER A 128 -10.05 -22.84 27.61
N SER A 129 -10.64 -22.51 26.47
CA SER A 129 -10.63 -21.12 26.05
C SER A 129 -11.49 -20.29 26.99
N PRO A 130 -11.07 -19.05 27.28
CA PRO A 130 -11.95 -18.17 28.05
C PRO A 130 -13.13 -17.64 27.23
N SER A 131 -13.13 -17.84 25.90
CA SER A 131 -14.26 -17.43 25.06
C SER A 131 -15.01 -18.63 24.49
N ASN A 132 -16.29 -18.46 24.17
CA ASN A 132 -17.11 -19.57 23.69
C ASN A 132 -16.77 -20.03 22.27
N TYR A 133 -16.48 -19.09 21.39
CA TYR A 133 -16.35 -19.42 19.98
C TYR A 133 -15.07 -18.90 19.32
N LYS A 134 -14.08 -18.58 20.15
CA LYS A 134 -12.75 -18.27 19.64
C LYS A 134 -11.70 -18.73 20.64
N LEU A 135 -10.49 -18.92 20.14
CA LEU A 135 -9.36 -19.27 20.97
C LEU A 135 -8.22 -18.46 20.41
N GLU A 136 -7.94 -17.33 21.05
CA GLU A 136 -6.85 -16.51 20.56
C GLU A 136 -5.55 -17.26 20.78
N CYS A 137 -4.70 -17.25 19.77
CA CYS A 137 -3.41 -17.91 19.82
C CYS A 137 -2.45 -17.24 18.83
N PRO A 138 -1.14 -17.42 19.02
CA PRO A 138 -0.14 -16.73 18.20
C PRO A 138 -0.27 -17.04 16.72
N GLU A 139 -0.56 -18.29 16.36
CA GLU A 139 -0.62 -18.65 14.95
C GLU A 139 -1.74 -17.89 14.25
N THR A 140 -2.86 -17.73 14.93
CA THR A 140 -3.96 -16.96 14.38
C THR A 140 -3.62 -15.45 14.30
N ASP A 141 -2.88 -14.95 15.29
CA ASP A 141 -2.48 -13.54 15.31
C ASP A 141 -1.61 -13.27 14.09
N CYS A 142 -0.70 -14.20 13.82
CA CYS A 142 0.18 -14.13 12.65
C CYS A 142 -0.61 -14.17 11.35
N GLU A 143 -1.56 -15.09 11.25
CA GLU A 143 -2.36 -15.19 10.04
C GLU A 143 -3.13 -13.90 9.80
N LYS A 144 -3.68 -13.36 10.89
CA LYS A 144 -4.42 -12.12 10.83
C LYS A 144 -3.51 -10.96 10.39
N GLY A 145 -2.29 -10.92 10.94
CA GLY A 145 -1.33 -9.90 10.54
C GLY A 145 -1.06 -9.89 9.04
N TRP A 146 -0.87 -11.07 8.46
CA TRP A 146 -0.66 -11.15 7.03
C TRP A 146 -1.89 -10.79 6.22
N ALA A 147 -3.07 -11.15 6.74
CA ALA A 147 -4.31 -10.80 6.04
C ALA A 147 -4.45 -9.29 6.03
N LEU A 148 -4.17 -8.65 7.18
CA LEU A 148 -4.23 -7.19 7.28
C LEU A 148 -3.24 -6.51 6.32
N LEU A 149 -1.99 -6.99 6.30
CA LEU A 149 -1.01 -6.43 5.35
C LEU A 149 -1.51 -6.46 3.91
N LYS A 150 -2.16 -7.55 3.53
CA LYS A 150 -2.60 -7.73 2.15
C LYS A 150 -3.69 -6.73 1.78
N PHE A 151 -4.41 -6.21 2.77
CA PHE A 151 -5.44 -5.22 2.48
C PHE A 151 -4.93 -3.77 2.40
N GLY A 152 -3.62 -3.60 2.56
CA GLY A 152 -2.97 -2.34 2.21
C GLY A 152 -2.67 -1.38 3.35
N GLY A 153 -2.12 -0.21 2.99
CA GLY A 153 -1.57 0.72 3.97
C GLY A 153 -2.46 1.17 5.11
N LYS A 154 -3.79 1.13 4.91
CA LYS A 154 -4.68 1.56 5.98
C LYS A 154 -4.65 0.57 7.14
N TYR A 155 -4.15 -0.63 6.87
CA TYR A 155 -4.18 -1.72 7.84
C TYR A 155 -2.83 -2.00 8.49
N TYR A 156 -1.80 -1.22 8.17
CA TYR A 156 -0.45 -1.53 8.63
C TYR A 156 -0.27 -1.42 10.14
N GLN A 157 -0.90 -0.43 10.77
CA GLN A 157 -0.81 -0.36 12.22
C GLN A 157 -1.50 -1.56 12.87
N LYS A 158 -2.65 -1.94 12.33
CA LYS A 158 -3.35 -3.10 12.89
C LYS A 158 -2.56 -4.39 12.68
N ALA A 159 -1.88 -4.50 11.54
CA ALA A 159 -1.04 -5.68 11.29
C ALA A 159 0.13 -5.74 12.26
N LYS A 160 0.74 -4.58 12.51
CA LYS A 160 1.86 -4.52 13.46
C LYS A 160 1.43 -5.00 14.83
N ALA A 161 0.25 -4.56 15.27
CA ALA A 161 -0.27 -4.99 16.57
C ALA A 161 -0.56 -6.49 16.63
N ALA A 162 -1.05 -7.03 15.52
CA ALA A 162 -1.31 -8.47 15.43
C ALA A 162 -0.01 -9.27 15.54
N PHE A 163 1.03 -8.86 14.82
CA PHE A 163 2.30 -9.55 14.94
C PHE A 163 2.91 -9.38 16.33
N GLU A 164 2.75 -8.18 16.91
CA GLU A 164 3.20 -7.94 18.27
C GLU A 164 2.50 -8.86 19.28
N LYS A 165 1.23 -9.15 19.04
CA LYS A 165 0.46 -10.01 19.93
C LYS A 165 1.03 -11.43 19.87
N ALA A 166 1.40 -11.87 18.67
CA ALA A 166 2.00 -13.19 18.47
C ALA A 166 3.38 -13.28 19.14
N LEU A 167 4.18 -12.23 18.99
CA LEU A 167 5.52 -12.18 19.55
C LEU A 167 5.52 -12.03 21.07
N GLU A 168 4.46 -11.47 21.63
CA GLU A 168 4.29 -11.48 23.09
C GLU A 168 4.38 -12.90 23.65
N VAL A 169 3.82 -13.86 22.92
CA VAL A 169 3.86 -15.25 23.35
C VAL A 169 5.14 -15.99 22.92
N GLU A 170 5.57 -15.76 21.68
CA GLU A 170 6.78 -16.41 21.16
C GLU A 170 7.68 -15.39 20.49
N PRO A 171 8.48 -14.68 21.30
CA PRO A 171 9.34 -13.60 20.81
C PRO A 171 10.37 -14.07 19.78
N ASP A 172 10.73 -15.35 19.79
CA ASP A 172 11.79 -15.85 18.93
C ASP A 172 11.27 -16.79 17.84
N ASN A 173 9.96 -16.78 17.61
CA ASN A 173 9.38 -17.58 16.54
C ASN A 173 9.84 -17.04 15.18
N PRO A 174 10.44 -17.90 14.34
CA PRO A 174 10.97 -17.39 13.06
C PRO A 174 9.89 -16.81 12.14
N GLU A 175 8.73 -17.46 12.06
CA GLU A 175 7.67 -16.97 11.19
C GLU A 175 7.10 -15.64 11.70
N PHE A 176 6.92 -15.52 13.01
CA PHE A 176 6.30 -14.33 13.54
C PHE A 176 7.23 -13.16 13.32
N ASN A 177 8.53 -13.42 13.44
CA ASN A 177 9.51 -12.35 13.28
C ASN A 177 9.56 -11.82 11.85
N ILE A 178 9.42 -12.71 10.87
CA ILE A 178 9.35 -12.24 9.48
C ILE A 178 8.17 -11.28 9.27
N GLY A 179 6.98 -11.69 9.72
CA GLY A 179 5.79 -10.87 9.56
C GLY A 179 5.94 -9.50 10.20
N TYR A 180 6.43 -9.51 11.45
CA TYR A 180 6.64 -8.28 12.19
C TYR A 180 7.66 -7.39 11.49
N ALA A 181 8.80 -7.97 11.13
CA ALA A 181 9.87 -7.16 10.52
C ALA A 181 9.43 -6.56 9.18
N ILE A 182 8.69 -7.31 8.38
CA ILE A 182 8.21 -6.76 7.12
C ILE A 182 7.17 -5.66 7.34
N THR A 183 6.31 -5.84 8.34
CA THR A 183 5.35 -4.78 8.69
C THR A 183 6.09 -3.48 9.10
N VAL A 184 7.07 -3.59 10.00
CA VAL A 184 7.81 -2.42 10.44
C VAL A 184 8.57 -1.79 9.26
N TYR A 185 9.08 -2.65 8.37
CA TYR A 185 9.75 -2.18 7.15
C TYR A 185 8.83 -1.34 6.26
N ARG A 186 7.59 -1.80 6.05
CA ARG A 186 6.65 -1.02 5.27
C ARG A 186 6.26 0.27 6.00
N LEU A 187 6.15 0.19 7.33
CA LEU A 187 5.82 1.38 8.11
C LEU A 187 6.94 2.41 8.08
N ASP A 188 8.17 1.98 7.80
CA ASP A 188 9.30 2.92 7.69
C ASP A 188 9.10 3.83 6.49
N ASP A 189 8.40 3.31 5.49
CA ASP A 189 8.12 4.02 4.24
C ASP A 189 6.74 4.71 4.28
N SER A 190 5.84 4.19 5.12
CA SER A 190 4.46 4.70 5.22
C SER A 190 4.32 5.99 6.02
N ASP A 191 3.44 6.86 5.53
CA ASP A 191 3.10 8.12 6.22
C ASP A 191 4.29 8.89 6.76
N ARG A 192 5.36 8.96 5.97
CA ARG A 192 6.55 9.69 6.39
C ARG A 192 6.23 11.15 6.65
N GLU A 193 6.81 11.70 7.72
CA GLU A 193 6.76 13.13 7.97
C GLU A 193 8.02 13.81 7.45
N GLY A 194 9.08 13.02 7.27
CA GLY A 194 10.34 13.54 6.77
C GLY A 194 11.15 12.46 6.07
N SER A 195 12.39 12.25 6.55
CA SER A 195 13.26 11.24 5.96
C SER A 195 12.75 9.82 6.21
N VAL A 196 13.13 8.87 5.35
CA VAL A 196 12.76 7.47 5.57
C VAL A 196 13.32 7.00 6.92
N LYS A 197 12.55 6.14 7.58
CA LYS A 197 12.88 5.71 8.92
C LYS A 197 13.62 4.38 8.85
N SER A 198 14.16 3.94 9.98
CA SER A 198 14.84 2.66 10.00
C SER A 198 14.56 1.85 11.25
N PHE A 199 13.36 2.01 11.80
CA PHE A 199 12.94 1.19 12.94
C PHE A 199 12.97 -0.31 12.61
N SER A 200 12.90 -0.64 11.33
CA SER A 200 12.85 -2.04 10.89
C SER A 200 14.20 -2.71 10.86
N LEU A 201 15.27 -1.92 10.98
CA LEU A 201 16.61 -2.47 10.84
C LEU A 201 16.90 -3.57 11.87
N GLY A 202 16.66 -3.29 13.16
CA GLY A 202 16.81 -4.31 14.20
C GLY A 202 15.92 -5.54 14.00
N PRO A 203 14.60 -5.32 13.87
CA PRO A 203 13.69 -6.43 13.56
C PRO A 203 14.09 -7.24 12.34
N LEU A 204 14.59 -6.60 11.28
CA LEU A 204 15.04 -7.33 10.10
C LEU A 204 16.26 -8.20 10.39
N ARG A 205 17.23 -7.65 11.13
CA ARG A 205 18.42 -8.42 11.48
CA ARG A 205 18.42 -8.44 11.46
C ARG A 205 18.02 -9.69 12.24
N LYS A 206 17.08 -9.54 13.17
CA LYS A 206 16.63 -10.70 13.96
C LYS A 206 15.90 -11.72 13.12
N ALA A 207 14.99 -11.26 12.27
CA ALA A 207 14.24 -12.14 11.39
C ALA A 207 15.18 -12.90 10.46
N VAL A 208 16.21 -12.24 9.96
CA VAL A 208 17.18 -12.92 9.11
C VAL A 208 17.97 -13.98 9.89
N THR A 209 18.39 -13.64 11.10
CA THR A 209 19.11 -14.61 11.94
C THR A 209 18.24 -15.83 12.22
N LEU A 210 16.95 -15.61 12.43
CA LEU A 210 16.03 -16.69 12.79
C LEU A 210 15.60 -17.51 11.59
N ASN A 211 15.83 -16.98 10.39
CA ASN A 211 15.43 -17.66 9.16
C ASN A 211 16.59 -17.74 8.15
N PRO A 212 17.63 -18.51 8.49
CA PRO A 212 18.88 -18.52 7.71
C PRO A 212 18.71 -18.93 6.24
N ASP A 213 17.73 -19.76 5.93
CA ASP A 213 17.61 -20.24 4.55
C ASP A 213 16.70 -19.37 3.69
N ASN A 214 16.21 -18.27 4.26
CA ASN A 214 15.15 -17.49 3.65
C ASN A 214 15.66 -16.22 2.96
N SER A 215 15.68 -16.23 1.62
CA SER A 215 16.22 -15.10 0.85
C SER A 215 15.20 -13.95 0.72
N TYR A 216 13.92 -14.25 0.96
CA TYR A 216 12.89 -13.23 0.90
C TYR A 216 13.03 -12.20 2.04
N ILE A 217 13.22 -12.69 3.27
CA ILE A 217 13.39 -11.76 4.39
C ILE A 217 14.72 -11.03 4.27
N LYS A 218 15.74 -11.75 3.79
CA LYS A 218 17.07 -11.17 3.67
C LYS A 218 17.12 -9.98 2.71
N VAL A 219 16.31 -10.02 1.65
CA VAL A 219 16.35 -8.94 0.66
C VAL A 219 15.85 -7.62 1.26
N PHE A 220 14.95 -7.69 2.23
CA PHE A 220 14.53 -6.45 2.92
C PHE A 220 15.63 -5.87 3.79
N LEU A 221 16.41 -6.75 4.42
CA LEU A 221 17.56 -6.29 5.19
C LEU A 221 18.53 -5.55 4.28
N ALA A 222 18.78 -6.09 3.10
CA ALA A 222 19.69 -5.44 2.16
C ALA A 222 19.18 -4.04 1.77
N LEU A 223 17.88 -3.95 1.49
CA LEU A 223 17.27 -2.66 1.12
C LEU A 223 17.34 -1.65 2.27
N LYS A 224 17.04 -2.11 3.47
CA LYS A 224 17.13 -1.24 4.64
C LYS A 224 18.56 -0.77 4.90
N LEU A 225 19.54 -1.64 4.70
CA LEU A 225 20.93 -1.23 4.83
C LEU A 225 21.27 -0.17 3.80
N GLN A 226 20.75 -0.33 2.60
CA GLN A 226 20.95 0.69 1.57
C GLN A 226 20.39 2.03 2.05
N ASP A 227 19.24 1.98 2.72
CA ASP A 227 18.60 3.21 3.20
C ASP A 227 19.44 3.93 4.23
N VAL A 228 20.20 3.17 5.02
CA VAL A 228 20.95 3.77 6.12
C VAL A 228 22.43 3.98 5.81
N HIS A 229 22.75 4.05 4.54
CA HIS A 229 24.09 4.39 4.05
C HIS A 229 25.09 3.29 4.38
N ALA A 230 24.60 2.06 4.39
CA ALA A 230 25.48 0.90 4.50
C ALA A 230 25.27 0.12 3.21
N GLU A 231 25.37 0.80 2.08
CA GLU A 231 25.08 0.20 0.78
C GLU A 231 26.02 -0.96 0.49
N ALA A 232 27.28 -0.82 0.88
CA ALA A 232 28.27 -1.90 0.73
C ALA A 232 27.87 -3.20 1.43
N GLU A 233 27.39 -3.12 2.67
CA GLU A 233 26.90 -4.31 3.36
C GLU A 233 25.66 -4.88 2.68
N GLY A 234 24.69 -4.01 2.39
CA GLY A 234 23.49 -4.43 1.68
C GLY A 234 23.81 -5.14 0.38
N GLU A 235 24.76 -4.61 -0.40
CA GLU A 235 25.06 -5.20 -1.69
C GLU A 235 25.66 -6.60 -1.59
N LYS A 236 26.49 -6.83 -0.58
CA LYS A 236 27.02 -8.18 -0.32
C LYS A 236 25.89 -9.17 -0.04
N TYR A 237 24.87 -8.72 0.68
CA TYR A 237 23.73 -9.60 0.96
C TYR A 237 23.00 -9.91 -0.35
N ILE A 238 22.82 -8.89 -1.19
CA ILE A 238 22.22 -9.08 -2.51
C ILE A 238 22.99 -10.12 -3.33
N GLU A 239 24.31 -9.97 -3.37
CA GLU A 239 25.16 -10.93 -4.08
C GLU A 239 25.00 -12.37 -3.55
N GLU A 240 25.02 -12.52 -2.22
CA GLU A 240 24.86 -13.83 -1.59
C GLU A 240 23.51 -14.45 -1.92
N ILE A 241 22.46 -13.63 -1.84
CA ILE A 241 21.12 -14.05 -2.22
C ILE A 241 21.07 -14.54 -3.66
N LEU A 242 21.63 -13.75 -4.58
CA LEU A 242 21.61 -14.10 -5.99
C LEU A 242 22.47 -15.32 -6.33
N ASP A 243 23.39 -15.66 -5.42
CA ASP A 243 24.17 -16.89 -5.54
C ASP A 243 23.38 -18.10 -5.06
N GLN A 244 22.39 -17.87 -4.21
CA GLN A 244 21.66 -18.96 -3.56
C GLN A 244 20.32 -19.30 -4.20
N ILE A 245 19.71 -18.33 -4.87
CA ILE A 245 18.42 -18.56 -5.51
C ILE A 245 18.48 -18.18 -6.97
N SER A 246 17.50 -18.67 -7.74
CA SER A 246 17.33 -18.22 -9.11
C SER A 246 15.86 -18.12 -9.44
N SER A 247 15.52 -17.14 -10.29
CA SER A 247 14.18 -17.03 -10.87
C SER A 247 13.03 -16.92 -9.87
N GLN A 248 13.30 -16.48 -8.65
CA GLN A 248 12.24 -16.30 -7.66
C GLN A 248 11.80 -14.87 -7.73
N PRO A 249 10.60 -14.63 -8.25
CA PRO A 249 10.23 -13.25 -8.57
C PRO A 249 10.08 -12.36 -7.33
N TYR A 250 9.65 -12.91 -6.20
CA TYR A 250 9.52 -12.14 -4.96
C TYR A 250 10.87 -11.77 -4.33
N VAL A 251 11.95 -12.34 -4.84
CA VAL A 251 13.27 -12.00 -4.37
C VAL A 251 13.94 -11.10 -5.41
N LEU A 252 13.89 -11.53 -6.67
CA LEU A 252 14.47 -10.76 -7.77
C LEU A 252 13.96 -9.32 -7.88
N ARG A 253 12.67 -9.13 -7.64
CA ARG A 253 12.09 -7.78 -7.81
C ARG A 253 12.67 -6.79 -6.81
N TYR A 254 13.01 -7.25 -5.63
CA TYR A 254 13.59 -6.37 -4.61
C TYR A 254 15.09 -6.19 -4.81
N ALA A 255 15.78 -7.23 -5.30
CA ALA A 255 17.17 -7.06 -5.72
C ALA A 255 17.24 -6.05 -6.89
N ALA A 256 16.23 -6.07 -7.75
CA ALA A 256 16.19 -5.11 -8.85
C ALA A 256 16.00 -3.69 -8.31
N LYS A 257 15.14 -3.52 -7.31
CA LYS A 257 15.01 -2.21 -6.67
C LYS A 257 16.35 -1.74 -6.10
N PHE A 258 17.05 -2.65 -5.41
CA PHE A 258 18.37 -2.34 -4.86
C PHE A 258 19.30 -1.80 -5.95
N TYR A 259 19.42 -2.56 -7.04
CA TYR A 259 20.35 -2.16 -8.09
C TYR A 259 19.92 -0.86 -8.75
N ARG A 260 18.63 -0.68 -8.97
CA ARG A 260 18.15 0.58 -9.54
C ARG A 260 18.51 1.78 -8.66
N ARG A 261 18.38 1.64 -7.34
CA ARG A 261 18.66 2.76 -6.45
C ARG A 261 20.13 3.16 -6.36
N LYS A 262 21.02 2.29 -6.83
CA LYS A 262 22.41 2.70 -7.02
C LYS A 262 22.74 2.94 -8.50
N ASN A 263 21.68 3.12 -9.29
CA ASN A 263 21.79 3.48 -10.72
C ASN A 263 22.40 2.40 -11.61
N SER A 264 22.32 1.15 -11.15
CA SER A 264 22.71 0.01 -11.98
C SER A 264 21.47 -0.46 -12.73
N TRP A 265 21.04 0.33 -13.70
CA TRP A 265 19.76 0.09 -14.32
C TRP A 265 19.74 -1.15 -15.23
N ASN A 266 20.83 -1.42 -15.93
CA ASN A 266 20.87 -2.61 -16.79
C ASN A 266 20.78 -3.90 -15.96
N LYS A 267 21.42 -3.89 -14.79
CA LYS A 267 21.37 -5.04 -13.90
C LYS A 267 19.95 -5.20 -13.34
N ALA A 268 19.34 -4.09 -12.95
CA ALA A 268 17.95 -4.10 -12.48
C ALA A 268 17.01 -4.65 -13.57
N LEU A 269 17.20 -4.21 -14.81
CA LEU A 269 16.36 -4.67 -15.92
C LEU A 269 16.54 -6.17 -16.20
N GLU A 270 17.78 -6.63 -16.12
CA GLU A 270 18.09 -8.04 -16.28
C GLU A 270 17.32 -8.88 -15.25
N LEU A 271 17.38 -8.46 -13.98
CA LEU A 271 16.68 -9.19 -12.93
C LEU A 271 15.17 -9.14 -13.11
N LEU A 272 14.65 -7.98 -13.48
CA LEU A 272 13.20 -7.83 -13.64
C LEU A 272 12.68 -8.71 -14.77
N LYS A 273 13.45 -8.81 -15.85
CA LYS A 273 13.04 -9.60 -16.98
C LYS A 273 13.03 -11.09 -16.60
N LYS A 274 13.96 -11.50 -15.75
CA LYS A 274 13.99 -12.90 -15.31
C LYS A 274 12.76 -13.19 -14.46
N ALA A 275 12.37 -12.23 -13.64
CA ALA A 275 11.14 -12.34 -12.86
C ALA A 275 9.89 -12.36 -13.74
N LEU A 276 9.88 -11.52 -14.77
CA LEU A 276 8.75 -11.51 -15.71
C LEU A 276 8.54 -12.83 -16.48
N GLU A 277 9.60 -13.61 -16.66
CA GLU A 277 9.47 -14.91 -17.32
C GLU A 277 8.59 -15.83 -16.50
N VAL A 278 8.66 -15.65 -15.20
CA VAL A 278 7.90 -16.44 -14.24
C VAL A 278 6.49 -15.88 -14.05
N THR A 279 6.40 -14.57 -13.80
CA THR A 279 5.10 -13.92 -13.59
C THR A 279 4.94 -12.68 -14.48
N PRO A 280 4.61 -12.90 -15.75
CA PRO A 280 4.59 -11.85 -16.79
C PRO A 280 3.56 -10.76 -16.59
N THR A 281 2.59 -10.97 -15.71
CA THR A 281 1.52 -9.98 -15.54
C THR A 281 1.63 -9.16 -14.26
N SER A 282 2.63 -9.44 -13.43
CA SER A 282 2.77 -8.75 -12.16
C SER A 282 2.87 -7.22 -12.26
N SER A 283 1.93 -6.53 -11.62
CA SER A 283 1.94 -5.07 -11.68
C SER A 283 3.18 -4.49 -11.01
N PHE A 284 3.65 -5.13 -9.94
CA PHE A 284 4.88 -4.74 -9.27
C PHE A 284 6.06 -4.75 -10.26
N LEU A 285 6.21 -5.84 -11.00
CA LEU A 285 7.34 -5.96 -11.93
C LEU A 285 7.24 -4.90 -13.00
N HIS A 286 6.03 -4.70 -13.52
CA HIS A 286 5.85 -3.69 -14.56
C HIS A 286 6.17 -2.29 -14.08
N HIS A 287 5.77 -1.98 -12.85
CA HIS A 287 6.10 -0.66 -12.33
C HIS A 287 7.61 -0.49 -12.25
N GLN A 288 8.29 -1.51 -11.76
CA GLN A 288 9.75 -1.46 -11.62
C GLN A 288 10.46 -1.28 -12.97
N MET A 289 9.94 -1.94 -14.00
CA MET A 289 10.48 -1.78 -15.34
C MET A 289 10.39 -0.32 -15.79
N GLY A 290 9.21 0.28 -15.62
CA GLY A 290 9.04 1.68 -15.97
C GLY A 290 10.00 2.60 -15.22
N LEU A 291 10.20 2.31 -13.94
CA LEU A 291 11.11 3.11 -13.13
C LEU A 291 12.52 3.05 -13.71
N CYS A 292 12.93 1.87 -14.17
CA CYS A 292 14.24 1.73 -14.80
C CYS A 292 14.37 2.54 -16.09
N TYR A 293 13.39 2.42 -16.99
CA TYR A 293 13.43 3.16 -18.26
C TYR A 293 13.39 4.67 -18.02
N ARG A 294 12.56 5.08 -17.07
CA ARG A 294 12.46 6.50 -16.72
C ARG A 294 13.81 7.05 -16.25
N ALA A 295 14.49 6.30 -15.41
CA ALA A 295 15.77 6.74 -14.86
C ALA A 295 16.80 6.90 -15.97
N GLN A 296 16.84 5.92 -16.88
CA GLN A 296 17.75 5.99 -18.03
C GLN A 296 17.44 7.19 -18.90
N MET A 297 16.16 7.49 -19.06
CA MET A 297 15.76 8.63 -19.87
C MET A 297 16.21 9.95 -19.24
N ILE A 298 15.99 10.08 -17.93
CA ILE A 298 16.41 11.24 -17.17
C ILE A 298 17.91 11.48 -17.26
N GLN A 299 18.69 10.41 -17.23
CA GLN A 299 20.14 10.56 -17.34
C GLN A 299 20.55 11.19 -18.67
N ILE A 300 19.87 10.80 -19.74
CA ILE A 300 20.18 11.36 -21.06
C ILE A 300 19.78 12.83 -21.10
N LYS A 301 18.61 13.14 -20.53
CA LYS A 301 18.12 14.51 -20.51
C LYS A 301 19.07 15.42 -19.75
N LYS A 302 19.54 14.96 -18.60
CA LYS A 302 20.48 15.74 -17.79
C LYS A 302 21.79 15.94 -18.55
N ALA A 303 22.30 14.86 -19.12
CA ALA A 303 23.54 14.90 -19.90
C ALA A 303 23.48 15.90 -21.04
N THR A 304 22.33 15.95 -21.70
CA THR A 304 22.13 16.81 -22.87
C THR A 304 21.46 18.14 -22.51
N HIS A 305 21.48 18.49 -21.23
CA HIS A 305 20.88 19.72 -20.71
C HIS A 305 19.45 19.93 -21.20
N ASN A 306 18.64 18.88 -21.07
CA ASN A 306 17.23 18.89 -21.46
C ASN A 306 16.97 19.21 -22.94
N ARG A 307 18.01 19.10 -23.76
CA ARG A 307 17.85 19.25 -25.21
C ARG A 307 18.57 18.16 -26.01
N PRO A 308 18.08 16.91 -25.91
CA PRO A 308 18.69 15.81 -26.65
C PRO A 308 18.40 15.90 -28.14
N LYS A 309 19.42 15.66 -28.96
CA LYS A 309 19.25 15.70 -30.41
C LYS A 309 19.64 14.35 -31.00
N GLY A 310 19.27 14.13 -32.26
CA GLY A 310 19.66 12.94 -32.99
C GLY A 310 19.26 11.65 -32.30
N LYS A 311 20.23 10.75 -32.16
CA LYS A 311 19.97 9.43 -31.58
C LYS A 311 19.62 9.51 -30.10
N ASP A 312 20.14 10.53 -29.43
CA ASP A 312 19.80 10.80 -28.05
C ASP A 312 18.31 11.09 -27.94
N LYS A 313 17.79 11.87 -28.88
CA LYS A 313 16.38 12.20 -28.91
C LYS A 313 15.55 10.95 -29.23
N LEU A 314 16.04 10.14 -30.15
CA LEU A 314 15.36 8.88 -30.50
C LEU A 314 15.27 7.96 -29.30
N LYS A 315 16.37 7.86 -28.56
CA LYS A 315 16.44 6.98 -27.39
C LYS A 315 15.51 7.46 -26.28
N VAL A 316 15.53 8.77 -26.02
CA VAL A 316 14.63 9.37 -25.05
C VAL A 316 13.17 9.04 -25.37
N ASP A 317 12.80 9.14 -26.64
CA ASP A 317 11.42 8.84 -27.04
C ASP A 317 11.09 7.35 -26.90
N GLU A 318 12.04 6.48 -27.22
CA GLU A 318 11.86 5.04 -27.01
C GLU A 318 11.67 4.73 -25.53
N LEU A 319 12.51 5.34 -24.69
CA LEU A 319 12.42 5.12 -23.25
C LEU A 319 11.11 5.62 -22.66
N ILE A 320 10.64 6.78 -23.12
CA ILE A 320 9.35 7.30 -22.68
C ILE A 320 8.24 6.32 -23.07
N SER A 321 8.28 5.84 -24.31
CA SER A 321 7.26 4.90 -24.79
C SER A 321 7.28 3.64 -23.95
N SER A 322 8.47 3.13 -23.65
CA SER A 322 8.61 1.93 -22.83
C SER A 322 8.15 2.16 -21.40
N ALA A 323 8.46 3.32 -20.84
CA ALA A 323 7.98 3.62 -19.49
C ALA A 323 6.46 3.67 -19.46
N ILE A 324 5.86 4.33 -20.45
CA ILE A 324 4.41 4.40 -20.54
C ILE A 324 3.81 3.00 -20.61
N PHE A 325 4.37 2.16 -21.47
CA PHE A 325 3.87 0.81 -21.62
C PHE A 325 3.80 0.07 -20.29
N HIS A 326 4.91 0.11 -19.56
CA HIS A 326 4.98 -0.65 -18.31
C HIS A 326 4.17 0.00 -17.17
N PHE A 327 4.19 1.33 -17.05
CA PHE A 327 3.36 1.98 -16.02
C PHE A 327 1.87 1.73 -16.31
N LYS A 328 1.50 1.71 -17.59
CA LYS A 328 0.12 1.46 -17.98
C LYS A 328 -0.26 0.03 -17.59
N ALA A 329 0.61 -0.92 -17.89
CA ALA A 329 0.39 -2.32 -17.48
C ALA A 329 0.25 -2.46 -15.97
N ALA A 330 1.08 -1.74 -15.20
CA ALA A 330 1.00 -1.81 -13.74
C ALA A 330 -0.36 -1.33 -13.24
N MET A 331 -0.81 -0.20 -13.77
CA MET A 331 -2.09 0.36 -13.41
C MET A 331 -3.25 -0.56 -13.79
N GLU A 332 -3.17 -1.12 -14.99
CA GLU A 332 -4.22 -2.00 -15.47
C GLU A 332 -4.35 -3.31 -14.68
N ARG A 333 -3.24 -3.74 -14.05
CA ARG A 333 -3.21 -4.96 -13.26
C ARG A 333 -3.46 -4.71 -11.76
N ASP A 334 -3.46 -3.46 -11.34
CA ASP A 334 -3.73 -3.12 -9.94
C ASP A 334 -4.39 -1.75 -9.84
N SER A 335 -5.71 -1.74 -9.80
CA SER A 335 -6.45 -0.49 -9.85
C SER A 335 -6.27 0.39 -8.62
N MET A 336 -5.71 -0.18 -7.55
CA MET A 336 -5.47 0.57 -6.31
C MET A 336 -4.01 1.01 -6.13
N PHE A 337 -3.22 0.84 -7.19
CA PHE A 337 -1.77 1.12 -7.17
C PHE A 337 -1.54 2.62 -7.48
N ALA A 338 -1.62 3.46 -6.46
CA ALA A 338 -1.58 4.92 -6.64
C ALA A 338 -0.38 5.41 -7.43
N PHE A 339 0.81 4.90 -7.11
CA PHE A 339 2.02 5.34 -7.78
C PHE A 339 2.05 4.97 -9.25
N ALA A 340 1.40 3.86 -9.60
CA ALA A 340 1.30 3.48 -11.01
C ALA A 340 0.57 4.57 -11.79
N TYR A 341 -0.50 5.12 -11.23
CA TYR A 341 -1.24 6.20 -11.89
C TYR A 341 -0.38 7.45 -12.07
N THR A 342 0.23 7.92 -10.99
CA THR A 342 0.95 9.18 -11.06
C THR A 342 2.19 9.03 -11.94
N ASP A 343 2.86 7.88 -11.86
CA ASP A 343 4.03 7.68 -12.72
C ASP A 343 3.64 7.63 -14.19
N LEU A 344 2.54 6.93 -14.50
CA LEU A 344 2.01 6.92 -15.86
C LEU A 344 1.58 8.30 -16.32
N ALA A 345 0.82 9.01 -15.49
CA ALA A 345 0.37 10.37 -15.86
C ALA A 345 1.53 11.33 -16.07
N ASN A 346 2.52 11.25 -15.19
CA ASN A 346 3.69 12.12 -15.29
C ASN A 346 4.47 11.82 -16.57
N MET A 347 4.53 10.55 -16.94
CA MET A 347 5.24 10.19 -18.18
C MET A 347 4.45 10.62 -19.43
N TYR A 348 3.13 10.46 -19.41
CA TYR A 348 2.30 11.06 -20.47
C TYR A 348 2.60 12.55 -20.58
N ALA A 349 2.66 13.23 -19.45
CA ALA A 349 2.92 14.68 -19.46
C ALA A 349 4.29 14.99 -20.07
N GLU A 350 5.30 14.19 -19.71
CA GLU A 350 6.66 14.39 -20.21
C GLU A 350 6.70 14.25 -21.73
N GLY A 351 5.88 13.35 -22.26
CA GLY A 351 5.82 13.10 -23.68
C GLY A 351 4.86 14.03 -24.40
N GLY A 352 4.27 14.96 -23.64
CA GLY A 352 3.33 15.93 -24.18
C GLY A 352 1.98 15.36 -24.55
N GLN A 353 1.68 14.16 -24.05
CA GLN A 353 0.38 13.54 -24.28
C GLN A 353 -0.59 13.99 -23.19
N TYR A 354 -1.00 15.25 -23.29
CA TYR A 354 -1.75 15.89 -22.22
C TYR A 354 -3.16 15.33 -21.98
N SER A 355 -3.86 14.98 -23.06
CA SER A 355 -5.16 14.32 -22.93
C SER A 355 -5.01 12.97 -22.19
N ASN A 356 -3.95 12.23 -22.50
CA ASN A 356 -3.69 10.98 -21.80
C ASN A 356 -3.36 11.21 -20.33
N ALA A 357 -2.52 12.21 -20.06
CA ALA A 357 -2.16 12.54 -18.67
C ALA A 357 -3.40 12.95 -17.86
N GLU A 358 -4.24 13.76 -18.47
CA GLU A 358 -5.45 14.26 -17.81
C GLU A 358 -6.39 13.11 -17.45
N ASP A 359 -6.55 12.19 -18.39
CA ASP A 359 -7.38 11.00 -18.20
C ASP A 359 -6.90 10.20 -16.99
N ILE A 360 -5.61 9.96 -16.90
CA ILE A 360 -5.06 9.20 -15.78
C ILE A 360 -5.13 9.96 -14.46
N PHE A 361 -4.80 11.25 -14.49
CA PHE A 361 -4.84 12.06 -13.27
C PHE A 361 -6.28 12.09 -12.75
N ARG A 362 -7.24 12.19 -13.66
CA ARG A 362 -8.65 12.23 -13.29
C ARG A 362 -9.06 10.99 -12.51
N LYS A 363 -8.67 9.82 -13.03
CA LYS A 363 -8.93 8.58 -12.34
C LYS A 363 -8.23 8.55 -10.97
N ALA A 364 -6.99 9.03 -10.93
CA ALA A 364 -6.22 9.01 -9.69
C ALA A 364 -6.90 9.87 -8.62
N LEU A 365 -7.38 11.04 -9.05
CA LEU A 365 -8.02 11.97 -8.12
C LEU A 365 -9.33 11.42 -7.57
N ARG A 366 -9.92 10.47 -8.29
CA ARG A 366 -11.17 9.87 -7.87
C ARG A 366 -11.01 8.56 -7.08
N LEU A 367 -9.78 8.13 -6.81
CA LEU A 367 -9.58 6.96 -5.94
C LEU A 367 -9.93 7.31 -4.48
N GLU A 368 -11.06 6.82 -4.00
CA GLU A 368 -11.52 7.23 -2.68
C GLU A 368 -10.90 6.40 -1.55
N ASN A 369 -10.49 5.19 -1.85
CA ASN A 369 -10.19 4.25 -0.76
C ASN A 369 -8.71 3.94 -0.56
N ILE A 370 -7.84 4.72 -1.21
CA ILE A 370 -6.40 4.63 -0.97
C ILE A 370 -6.09 5.44 0.30
N THR A 371 -4.88 5.30 0.84
CA THR A 371 -4.48 6.06 2.04
C THR A 371 -4.46 7.56 1.80
N ASP A 372 -4.62 8.33 2.88
CA ASP A 372 -4.53 9.78 2.79
C ASP A 372 -3.15 10.22 2.28
N ASP A 373 -2.11 9.50 2.68
CA ASP A 373 -0.79 9.83 2.14
C ASP A 373 -0.76 9.75 0.61
N HIS A 374 -1.37 8.72 0.03
CA HIS A 374 -1.37 8.60 -1.43
C HIS A 374 -2.26 9.66 -2.08
N LYS A 375 -3.40 9.97 -1.47
CA LYS A 375 -4.24 11.08 -1.94
C LYS A 375 -3.47 12.41 -2.00
N HIS A 376 -2.69 12.66 -0.95
CA HIS A 376 -1.84 13.84 -0.79
C HIS A 376 -0.86 13.96 -1.96
N GLN A 377 -0.26 12.83 -2.31
CA GLN A 377 0.75 12.83 -3.35
C GLN A 377 0.13 13.01 -4.72
N ILE A 378 -1.03 12.41 -4.94
CA ILE A 378 -1.76 12.64 -6.18
C ILE A 378 -2.05 14.14 -6.37
N HIS A 379 -2.53 14.81 -5.33
CA HIS A 379 -2.80 16.25 -5.45
C HIS A 379 -1.53 17.03 -5.79
N TYR A 380 -0.44 16.66 -5.13
CA TYR A 380 0.85 17.30 -5.40
C TYR A 380 1.25 17.15 -6.86
N HIS A 381 1.20 15.92 -7.38
CA HIS A 381 1.58 15.69 -8.78
C HIS A 381 0.66 16.38 -9.79
N TYR A 382 -0.64 16.36 -9.53
CA TYR A 382 -1.56 17.03 -10.44
C TYR A 382 -1.32 18.55 -10.39
N GLY A 383 -1.05 19.06 -9.19
CA GLY A 383 -0.73 20.47 -9.03
C GLY A 383 0.46 20.88 -9.87
N ARG A 384 1.51 20.07 -9.84
CA ARG A 384 2.72 20.34 -10.61
C ARG A 384 2.46 20.25 -12.12
N PHE A 385 1.63 19.30 -12.53
CA PHE A 385 1.22 19.19 -13.95
C PHE A 385 0.48 20.48 -14.37
N GLN A 386 -0.41 20.96 -13.50
CA GLN A 386 -1.14 22.20 -13.76
C GLN A 386 -0.20 23.40 -13.85
N GLU A 387 0.75 23.48 -12.91
CA GLU A 387 1.66 24.62 -12.87
C GLU A 387 2.60 24.67 -14.06
N PHE A 388 3.21 23.54 -14.39
CA PHE A 388 4.32 23.55 -15.35
C PHE A 388 3.95 23.13 -16.77
N HIS A 389 2.91 22.32 -16.90
CA HIS A 389 2.50 21.88 -18.22
C HIS A 389 1.29 22.64 -18.72
N ARG A 390 0.25 22.75 -17.90
CA ARG A 390 -0.94 23.51 -18.30
C ARG A 390 -0.77 25.01 -18.11
N LYS A 391 0.22 25.41 -17.31
CA LYS A 391 0.41 26.82 -16.93
C LYS A 391 -0.85 27.43 -16.34
N SER A 392 -1.55 26.66 -15.52
CA SER A 392 -2.76 27.12 -14.87
C SER A 392 -2.49 27.32 -13.39
N GLU A 393 -2.09 28.52 -13.02
CA GLU A 393 -1.69 28.83 -11.65
C GLU A 393 -2.80 28.65 -10.64
N ASN A 394 -4.04 28.96 -11.02
CA ASN A 394 -5.13 28.83 -10.06
C ASN A 394 -5.50 27.37 -9.77
N THR A 395 -5.37 26.52 -10.78
CA THR A 395 -5.65 25.10 -10.59
C THR A 395 -4.52 24.48 -9.80
N ALA A 396 -3.30 24.92 -10.07
CA ALA A 396 -2.14 24.49 -9.30
C ALA A 396 -2.31 24.86 -7.83
N ILE A 397 -2.69 26.11 -7.56
CA ILE A 397 -2.88 26.55 -6.19
C ILE A 397 -3.94 25.71 -5.51
N HIS A 398 -5.02 25.44 -6.23
CA HIS A 398 -6.10 24.63 -5.67
C HIS A 398 -5.60 23.27 -5.20
N HIS A 399 -4.85 22.59 -6.06
CA HIS A 399 -4.40 21.25 -5.70
C HIS A 399 -3.25 21.22 -4.68
N TYR A 400 -2.43 22.26 -4.65
CA TYR A 400 -1.40 22.32 -3.61
C TYR A 400 -2.08 22.48 -2.25
N LEU A 401 -3.17 23.26 -2.22
CA LEU A 401 -3.95 23.41 -0.99
C LEU A 401 -4.61 22.10 -0.57
N GLU A 402 -5.23 21.40 -1.52
CA GLU A 402 -5.81 20.09 -1.23
C GLU A 402 -4.78 19.13 -0.67
N ALA A 403 -3.57 19.15 -1.24
CA ALA A 403 -2.51 18.26 -0.77
C ALA A 403 -2.25 18.50 0.73
N LEU A 404 -2.12 19.77 1.11
CA LEU A 404 -1.85 20.11 2.50
C LEU A 404 -3.01 19.85 3.44
N LYS A 405 -4.23 20.03 2.93
CA LYS A 405 -5.44 19.75 3.72
C LYS A 405 -5.54 18.25 4.03
N VAL A 406 -5.08 17.39 3.11
CA VAL A 406 -5.12 15.96 3.37
C VAL A 406 -3.96 15.49 4.26
N LYS A 407 -2.78 16.07 4.07
CA LYS A 407 -1.63 15.74 4.90
C LYS A 407 -0.69 16.93 4.98
N ASP A 408 -0.52 17.49 6.18
CA ASP A 408 0.24 18.73 6.33
C ASP A 408 1.65 18.56 6.89
N ARG A 409 1.97 17.33 7.28
CA ARG A 409 3.32 16.95 7.62
C ARG A 409 3.70 15.81 6.70
N SER A 410 4.62 16.06 5.78
CA SER A 410 5.08 15.05 4.85
C SER A 410 6.36 15.58 4.28
N PRO A 411 7.12 14.74 3.56
CA PRO A 411 8.30 15.31 2.91
C PRO A 411 7.98 16.31 1.80
N LEU A 412 6.70 16.48 1.47
CA LEU A 412 6.33 17.47 0.45
C LEU A 412 5.89 18.81 1.03
N ARG A 413 5.79 18.89 2.36
CA ARG A 413 5.23 20.09 3.00
C ARG A 413 5.85 21.42 2.54
N THR A 414 7.17 21.52 2.59
CA THR A 414 7.83 22.78 2.25
C THR A 414 7.83 23.09 0.76
N LYS A 415 7.81 22.06 -0.09
CA LYS A 415 7.62 22.25 -1.52
C LYS A 415 6.23 22.85 -1.76
N LEU A 416 5.25 22.33 -1.06
CA LEU A 416 3.88 22.82 -1.19
C LEU A 416 3.71 24.26 -0.66
N THR A 417 4.21 24.55 0.56
CA THR A 417 4.03 25.90 1.10
C THR A 417 4.79 26.95 0.27
N SER A 418 5.99 26.62 -0.17
CA SER A 418 6.79 27.59 -0.94
CA SER A 418 6.80 27.56 -0.95
C SER A 418 6.17 27.86 -2.32
N ALA A 419 5.68 26.82 -2.98
CA ALA A 419 4.98 27.00 -4.25
C ALA A 419 3.73 27.89 -4.08
N LEU A 420 3.01 27.67 -2.98
CA LEU A 420 1.80 28.43 -2.72
C LEU A 420 2.11 29.89 -2.44
N LYS A 421 3.14 30.14 -1.64
CA LYS A 421 3.57 31.50 -1.37
C LYS A 421 3.97 32.20 -2.65
N LYS A 422 4.74 31.50 -3.49
CA LYS A 422 5.26 32.07 -4.74
C LYS A 422 4.13 32.45 -5.69
N LEU A 423 3.23 31.51 -5.93
CA LEU A 423 2.14 31.71 -6.88
C LEU A 423 1.15 32.75 -6.37
N SER A 424 0.80 32.68 -5.09
CA SER A 424 -0.15 33.63 -4.55
C SER A 424 0.41 35.04 -4.53
N THR A 425 1.69 35.18 -4.20
CA THR A 425 2.33 36.50 -4.19
C THR A 425 2.32 37.12 -5.60
N LYS A 426 2.65 36.30 -6.59
CA LYS A 426 2.67 36.76 -7.98
C LYS A 426 1.28 37.19 -8.42
N ARG A 427 0.27 36.37 -8.12
CA ARG A 427 -1.09 36.71 -8.52
C ARG A 427 -1.60 37.97 -7.79
N LEU A 428 -1.16 38.17 -6.56
CA LEU A 428 -1.58 39.35 -5.80
C LEU A 428 -0.90 40.62 -6.30
N CYS A 429 0.25 40.49 -6.95
CA CYS A 429 0.87 41.64 -7.60
C CYS A 429 0.05 42.15 -8.76
N HIS A 430 -0.65 41.24 -9.42
CA HIS A 430 -1.49 41.60 -10.56
C HIS A 430 -2.88 42.05 -10.11
N ASN A 431 -3.44 41.35 -9.11
CA ASN A 431 -4.77 41.68 -8.60
C ASN A 431 -4.78 41.55 -7.08
N ALA A 432 -4.79 42.68 -6.38
CA ALA A 432 -4.69 42.68 -4.91
C ALA A 432 -5.92 42.09 -4.27
N LEU A 433 -6.98 41.96 -5.07
CA LEU A 433 -8.24 41.45 -4.56
C LEU A 433 -8.48 39.99 -4.94
N ASP A 434 -7.41 39.28 -5.31
CA ASP A 434 -7.56 37.89 -5.73
C ASP A 434 -7.86 37.01 -4.52
N VAL A 435 -9.10 36.54 -4.41
CA VAL A 435 -9.53 35.90 -3.17
C VAL A 435 -8.83 34.56 -2.95
N GLN A 436 -8.65 33.81 -4.02
CA GLN A 436 -8.00 32.51 -3.89
C GLN A 436 -6.60 32.64 -3.31
N SER A 437 -5.86 33.63 -3.82
CA SER A 437 -4.49 33.86 -3.37
C SER A 437 -4.43 34.42 -1.95
N LEU A 438 -5.36 35.30 -1.59
CA LEU A 438 -5.39 35.78 -0.19
C LEU A 438 -5.65 34.61 0.76
N SER A 439 -6.62 33.79 0.37
CA SER A 439 -7.05 32.64 1.15
C SER A 439 -5.91 31.63 1.27
N ALA A 440 -5.18 31.45 0.18
CA ALA A 440 -4.07 30.50 0.18
C ALA A 440 -2.97 30.95 1.14
N LEU A 441 -2.67 32.24 1.15
CA LEU A 441 -1.65 32.75 2.05
C LEU A 441 -2.11 32.64 3.49
N GLY A 442 -3.38 32.96 3.75
CA GLY A 442 -3.95 32.77 5.08
C GLY A 442 -3.75 31.33 5.52
N PHE A 443 -4.04 30.40 4.62
CA PHE A 443 -3.92 28.97 4.96
C PHE A 443 -2.47 28.57 5.30
N VAL A 444 -1.53 29.03 4.48
CA VAL A 444 -0.13 28.66 4.66
C VAL A 444 0.44 29.29 5.94
N TYR A 445 0.16 30.56 6.19
CA TYR A 445 0.64 31.21 7.43
C TYR A 445 0.05 30.55 8.66
N LYS A 446 -1.21 30.14 8.56
CA LYS A 446 -1.83 29.43 9.67
C LYS A 446 -1.08 28.13 9.94
N LEU A 447 -0.78 27.40 8.86
CA LEU A 447 0.00 26.16 8.94
C LEU A 447 1.38 26.38 9.55
N GLU A 448 2.00 27.52 9.23
CA GLU A 448 3.34 27.84 9.72
C GLU A 448 3.35 28.40 11.13
N GLY A 449 2.17 28.56 11.72
CA GLY A 449 2.04 29.06 13.08
C GLY A 449 2.06 30.58 13.18
N GLU A 450 1.94 31.27 12.05
CA GLU A 450 1.95 32.72 12.05
C GLU A 450 0.50 33.19 12.14
N LYS A 451 -0.06 33.12 13.35
CA LYS A 451 -1.49 33.33 13.58
C LYS A 451 -1.96 34.71 13.15
N ARG A 452 -1.18 35.72 13.50
CA ARG A 452 -1.58 37.10 13.24
C ARG A 452 -1.59 37.37 11.74
N GLN A 453 -0.52 36.95 11.06
CA GLN A 453 -0.40 37.17 9.62
C GLN A 453 -1.49 36.41 8.87
N ALA A 454 -1.75 35.19 9.33
CA ALA A 454 -2.83 34.39 8.74
C ALA A 454 -4.18 35.08 8.89
N ALA A 455 -4.44 35.60 10.08
CA ALA A 455 -5.69 36.31 10.33
C ALA A 455 -5.85 37.47 9.36
N GLU A 456 -4.77 38.23 9.16
CA GLU A 456 -4.79 39.37 8.25
C GLU A 456 -5.14 38.97 6.82
N TYR A 457 -4.55 37.90 6.31
CA TYR A 457 -4.95 37.40 4.99
C TYR A 457 -6.42 36.95 4.92
N TYR A 458 -6.86 36.15 5.89
CA TYR A 458 -8.25 35.73 5.90
C TYR A 458 -9.22 36.91 6.06
N GLU A 459 -8.83 37.91 6.83
CA GLU A 459 -9.64 39.12 6.96
C GLU A 459 -9.74 39.91 5.65
N LYS A 460 -8.66 40.01 4.90
CA LYS A 460 -8.73 40.62 3.57
C LYS A 460 -9.63 39.80 2.65
N ALA A 461 -9.50 38.48 2.69
CA ALA A 461 -10.33 37.61 1.86
C ALA A 461 -11.81 37.71 2.25
N GLN A 462 -12.07 37.78 3.55
CA GLN A 462 -13.42 37.90 4.07
C GLN A 462 -14.05 39.23 3.71
N LYS A 463 -13.24 40.29 3.66
CA LYS A 463 -13.70 41.62 3.29
C LYS A 463 -14.34 41.56 1.90
N ILE A 464 -13.71 40.80 1.02
CA ILE A 464 -14.17 40.65 -0.36
C ILE A 464 -15.35 39.68 -0.47
N ASP A 465 -15.27 38.59 0.28
CA ASP A 465 -16.32 37.58 0.31
C ASP A 465 -16.79 37.37 1.75
N PRO A 466 -17.64 38.29 2.24
CA PRO A 466 -18.00 38.37 3.66
C PRO A 466 -18.75 37.17 4.22
N GLU A 467 -19.50 36.47 3.38
CA GLU A 467 -20.32 35.37 3.87
C GLU A 467 -19.64 34.03 3.69
N ASN A 468 -18.36 34.05 3.32
CA ASN A 468 -17.64 32.80 3.06
C ASN A 468 -17.51 31.95 4.31
N ALA A 469 -18.02 30.72 4.23
CA ALA A 469 -18.05 29.84 5.39
C ALA A 469 -16.65 29.44 5.82
N GLU A 470 -15.79 29.14 4.85
CA GLU A 470 -14.43 28.72 5.13
C GLU A 470 -13.63 29.80 5.87
N PHE A 471 -13.83 31.06 5.48
CA PHE A 471 -13.06 32.17 6.08
C PHE A 471 -13.51 32.47 7.50
N LEU A 472 -14.81 32.36 7.74
CA LEU A 472 -15.35 32.56 9.09
C LEU A 472 -14.81 31.49 10.03
N THR A 473 -14.81 30.25 9.58
CA THR A 473 -14.32 29.12 10.36
C THR A 473 -12.82 29.23 10.65
N ALA A 474 -12.05 29.62 9.64
CA ALA A 474 -10.61 29.82 9.82
C ALA A 474 -10.35 30.88 10.87
N LEU A 475 -11.02 32.02 10.77
CA LEU A 475 -10.84 33.11 11.72
C LEU A 475 -11.24 32.71 13.15
N CYS A 476 -12.29 31.90 13.27
CA CYS A 476 -12.71 31.42 14.58
C CYS A 476 -11.63 30.53 15.20
N GLU A 477 -11.11 29.60 14.40
CA GLU A 477 -10.03 28.73 14.85
C GLU A 477 -8.83 29.54 15.34
N LEU A 478 -8.44 30.53 14.55
CA LEU A 478 -7.33 31.41 14.90
C LEU A 478 -7.55 32.15 16.22
N ARG A 479 -8.81 32.49 16.50
CA ARG A 479 -9.15 33.20 17.74
C ARG A 479 -9.14 32.29 18.96
N LEU A 480 -9.52 31.02 18.77
CA LEU A 480 -9.71 30.11 19.89
C LEU A 480 -8.48 29.26 20.18
N SER A 481 -7.43 29.43 19.39
CA SER A 481 -6.23 28.62 19.57
C SER A 481 -5.44 29.02 20.83
N ILE A 482 -4.86 28.03 21.50
CA ILE A 482 -4.05 28.25 22.69
C ILE A 482 -2.75 27.46 22.62
N1 CTP B 1 1.72 -0.92 -0.84
C2 CTP B 1 1.41 0.36 -0.45
N3 CTP B 1 0.11 0.72 -0.17
C4 CTP B 1 -0.90 -0.16 -0.45
C5 CTP B 1 -0.60 -1.43 -0.91
C6 CTP B 1 0.74 -1.84 -1.01
O2 CTP B 1 2.30 1.21 -0.33
N4 CTP B 1 -2.17 0.23 -0.26
C1' CTP B 1 3.13 -1.32 -1.00
C2' CTP B 1 3.60 -2.19 0.17
O2' CTP B 1 4.00 -1.44 1.31
C3' CTP B 1 4.73 -2.99 -0.43
C4' CTP B 1 4.29 -3.11 -1.89
O4' CTP B 1 3.27 -2.16 -2.13
O3' CTP B 1 5.91 -2.20 -0.35
C5' CTP B 1 3.72 -4.49 -2.18
O5' CTP B 1 2.55 -4.64 -1.39
PA CTP B 1 1.56 -5.89 -1.52
O1A CTP B 1 1.00 -5.89 -2.91
O2A CTP B 1 0.51 -5.76 -0.47
O3A CTP B 1 2.65 -7.03 -1.21
PB CTP B 1 2.70 -8.56 -1.67
O1B CTP B 1 1.47 -9.31 -1.31
O2B CTP B 1 3.91 -9.12 -0.94
O3B CTP B 1 3.05 -8.44 -3.23
PG CTP B 1 2.14 -8.97 -4.48
O1G CTP B 1 0.79 -8.28 -4.42
O2G CTP B 1 2.01 -10.49 -4.42
O3G CTP B 1 2.97 -8.55 -5.67
MG MG C . 0.12 -6.37 -4.62
#